data_4N5U
#
_entry.id   4N5U
#
_cell.length_a   36.011
_cell.length_b   39.677
_cell.length_c   68.525
_cell.angle_alpha   90.00
_cell.angle_beta   90.00
_cell.angle_gamma   90.00
#
_symmetry.space_group_name_H-M   'P 21 21 21'
#
loop_
_entity.id
_entity.type
_entity.pdbx_description
1 polymer 'Receptor-type tyrosine-protein phosphatase F'
2 non-polymer 'SULFATE ION'
3 water water
#
_entity_poly.entity_id   1
_entity_poly.type   'polypeptide(L)'
_entity_poly.pdbx_seq_one_letter_code
;QDYGGTAQSTPSAPPQKVMCVSMGSTTVRVSWVPPPADSRNGVITQYSVAYEAVDGEDRGRHVVDGISREHSSWDLVGLE
KWTEYRVWVRAHTDVGPGPESSPVLVRTDEAENLYFQ
;
_entity_poly.pdbx_strand_id   A
#
# COMPACT_ATOMS: atom_id res chain seq x y z
N ALA A 7 -10.37 -10.71 -23.33
CA ALA A 7 -9.90 -11.88 -22.59
C ALA A 7 -8.90 -11.50 -21.50
N GLN A 8 -8.70 -10.20 -21.27
CA GLN A 8 -7.86 -9.78 -20.17
C GLN A 8 -8.54 -10.26 -18.89
N SER A 9 -7.75 -10.77 -17.98
CA SER A 9 -8.29 -11.31 -16.73
C SER A 9 -7.49 -10.78 -15.54
N THR A 10 -6.79 -9.65 -15.76
CA THR A 10 -6.08 -8.97 -14.69
C THR A 10 -6.59 -7.55 -14.61
N PRO A 11 -6.43 -6.91 -13.43
CA PRO A 11 -6.98 -5.56 -13.28
C PRO A 11 -6.28 -4.58 -14.19
N SER A 12 -7.03 -3.63 -14.74
CA SER A 12 -6.43 -2.61 -15.59
C SER A 12 -6.32 -1.28 -14.88
N ALA A 13 -6.75 -1.21 -13.62
CA ALA A 13 -6.72 0.04 -12.88
C ALA A 13 -6.22 -0.22 -11.48
N PRO A 14 -5.60 0.81 -10.86
CA PRO A 14 -5.11 0.63 -9.49
C PRO A 14 -6.20 0.76 -8.43
N PRO A 15 -5.92 0.31 -7.21
CA PRO A 15 -6.76 0.67 -6.08
C PRO A 15 -6.90 2.17 -6.01
N GLN A 16 -8.01 2.63 -5.44
CA GLN A 16 -8.37 4.03 -5.39
C GLN A 16 -8.20 4.59 -3.98
N LYS A 17 -8.16 5.93 -3.91
CA LYS A 17 -8.22 6.66 -2.67
C LYS A 17 -7.20 6.15 -1.67
N VAL A 18 -5.98 5.97 -2.14
CA VAL A 18 -4.93 5.49 -1.25
C VAL A 18 -4.55 6.59 -0.26
N MET A 19 -4.54 6.22 1.01
N MET A 19 -4.51 6.22 1.01
CA MET A 19 -4.18 7.13 2.10
CA MET A 19 -4.20 7.13 2.12
C MET A 19 -3.16 6.42 2.98
C MET A 19 -3.30 6.46 3.15
N CYS A 20 -2.31 7.21 3.63
CA CYS A 20 -1.33 6.69 4.58
C CYS A 20 -1.27 7.61 5.79
N VAL A 21 -1.34 7.03 6.97
CA VAL A 21 -1.26 7.79 8.21
C VAL A 21 -0.19 7.17 9.11
N SER A 22 0.74 7.98 9.61
N SER A 22 0.72 7.99 9.61
CA SER A 22 1.73 7.47 10.54
CA SER A 22 1.71 7.51 10.56
C SER A 22 1.12 7.35 11.93
C SER A 22 1.06 7.34 11.92
N MET A 23 1.18 6.14 12.49
CA MET A 23 0.57 5.85 13.79
C MET A 23 1.54 5.93 14.93
N GLY A 24 2.80 5.71 14.63
CA GLY A 24 3.82 5.73 15.65
C GLY A 24 5.19 5.74 15.02
N SER A 25 6.21 5.53 15.83
CA SER A 25 7.58 5.70 15.39
C SER A 25 7.98 4.71 14.32
N THR A 26 7.29 3.57 14.22
CA THR A 26 7.69 2.53 13.27
C THR A 26 6.53 1.94 12.48
N THR A 27 5.38 2.60 12.50
CA THR A 27 4.14 2.06 11.93
C THR A 27 3.39 3.09 11.09
N VAL A 28 2.89 2.62 9.95
CA VAL A 28 2.05 3.42 9.07
C VAL A 28 0.82 2.63 8.69
N ARG A 29 -0.34 3.26 8.75
CA ARG A 29 -1.57 2.61 8.33
C ARG A 29 -1.89 3.04 6.94
N VAL A 30 -2.01 2.06 6.05
CA VAL A 30 -2.28 2.31 4.63
C VAL A 30 -3.71 1.89 4.39
N SER A 31 -4.48 2.74 3.71
N SER A 31 -4.50 2.75 3.74
CA SER A 31 -5.86 2.44 3.37
CA SER A 31 -5.89 2.41 3.39
C SER A 31 -6.05 2.56 1.86
C SER A 31 -6.20 2.71 1.92
N TRP A 32 -7.12 1.93 1.37
CA TRP A 32 -7.47 2.02 -0.04
C TRP A 32 -8.92 1.56 -0.28
N VAL A 33 -9.35 1.77 -1.51
CA VAL A 33 -10.66 1.36 -2.00
C VAL A 33 -10.39 0.47 -3.23
N PRO A 34 -11.20 -0.58 -3.45
CA PRO A 34 -10.92 -1.38 -4.65
C PRO A 34 -11.02 -0.56 -5.93
N PRO A 35 -10.36 -1.04 -7.00
CA PRO A 35 -10.56 -0.42 -8.31
C PRO A 35 -12.02 -0.51 -8.74
N PRO A 36 -12.44 0.38 -9.65
CA PRO A 36 -13.79 0.27 -10.22
C PRO A 36 -14.02 -1.15 -10.72
N ALA A 37 -15.19 -1.70 -10.45
CA ALA A 37 -15.45 -3.10 -10.74
C ALA A 37 -15.21 -3.47 -12.21
N ASP A 38 -15.61 -2.59 -13.12
CA ASP A 38 -15.49 -2.90 -14.54
C ASP A 38 -14.03 -3.07 -14.94
N SER A 39 -13.12 -2.47 -14.18
CA SER A 39 -11.70 -2.46 -14.52
C SER A 39 -10.98 -3.67 -13.97
N ARG A 40 -11.66 -4.44 -13.13
CA ARG A 40 -11.00 -5.54 -12.44
C ARG A 40 -10.74 -6.73 -13.35
N ASN A 41 -11.63 -6.98 -14.30
CA ASN A 41 -11.54 -8.10 -15.25
C ASN A 41 -11.54 -9.48 -14.59
N GLY A 42 -11.95 -9.54 -13.34
CA GLY A 42 -12.08 -10.79 -12.62
C GLY A 42 -12.19 -10.48 -11.15
N VAL A 43 -12.34 -11.51 -10.33
CA VAL A 43 -12.37 -11.33 -8.90
C VAL A 43 -10.99 -10.93 -8.42
N ILE A 44 -10.93 -9.84 -7.67
CA ILE A 44 -9.69 -9.47 -7.01
C ILE A 44 -9.52 -10.41 -5.80
N THR A 45 -8.42 -11.15 -5.79
CA THR A 45 -8.20 -12.15 -4.76
C THR A 45 -7.22 -11.71 -3.69
N GLN A 46 -6.43 -10.67 -3.96
CA GLN A 46 -5.50 -10.16 -2.95
C GLN A 46 -5.08 -8.78 -3.31
N TYR A 47 -4.58 -8.05 -2.31
CA TYR A 47 -3.89 -6.78 -2.49
C TYR A 47 -2.46 -6.96 -2.03
N SER A 48 -1.59 -6.08 -2.52
CA SER A 48 -0.25 -5.99 -1.99
C SER A 48 0.11 -4.52 -1.82
N VAL A 49 0.96 -4.28 -0.83
CA VAL A 49 1.43 -2.94 -0.52
C VAL A 49 2.95 -2.91 -0.60
N ALA A 50 3.46 -2.05 -1.46
CA ALA A 50 4.89 -1.88 -1.63
C ALA A 50 5.27 -0.57 -0.97
N TYR A 51 6.50 -0.52 -0.46
CA TYR A 51 6.99 0.68 0.15
C TYR A 51 8.49 0.74 0.06
N GLU A 52 8.99 1.97 0.04
N GLU A 52 9.01 1.96 -0.01
CA GLU A 52 10.39 2.23 -0.18
CA GLU A 52 10.45 2.18 -0.17
C GLU A 52 10.75 3.50 0.56
C GLU A 52 10.85 3.51 0.45
N ALA A 53 11.82 3.45 1.34
CA ALA A 53 12.30 4.65 2.02
C ALA A 53 13.00 5.58 1.05
N VAL A 54 12.69 6.86 1.19
CA VAL A 54 13.25 7.95 0.41
C VAL A 54 14.63 8.34 0.98
N ASP A 55 14.70 8.35 2.30
CA ASP A 55 15.82 8.93 3.01
C ASP A 55 16.28 8.07 4.18
N GLY A 56 16.02 6.77 4.09
CA GLY A 56 16.42 5.86 5.14
C GLY A 56 17.73 5.14 4.90
N GLU A 57 18.12 4.37 5.89
CA GLU A 57 19.30 3.52 5.80
C GLU A 57 19.04 2.35 4.86
N ASP A 58 17.82 1.79 4.92
CA ASP A 58 17.41 0.73 4.01
C ASP A 58 16.55 1.34 2.93
N ARG A 59 17.08 1.43 1.72
CA ARG A 59 16.32 2.06 0.63
C ARG A 59 15.76 1.05 -0.37
N GLY A 60 15.77 -0.22 -0.01
CA GLY A 60 15.20 -1.23 -0.87
C GLY A 60 13.69 -1.22 -0.87
N ARG A 61 13.12 -1.67 -1.97
CA ARG A 61 11.68 -1.82 -2.09
C ARG A 61 11.24 -3.07 -1.34
N HIS A 62 10.25 -2.90 -0.50
CA HIS A 62 9.66 -3.99 0.24
C HIS A 62 8.22 -4.17 -0.19
N VAL A 63 7.72 -5.39 -0.04
CA VAL A 63 6.32 -5.66 -0.36
C VAL A 63 5.68 -6.54 0.70
N VAL A 64 4.48 -6.14 1.11
CA VAL A 64 3.59 -6.99 1.88
C VAL A 64 2.60 -7.57 0.89
N ASP A 65 2.70 -8.87 0.69
CA ASP A 65 1.96 -9.59 -0.34
C ASP A 65 0.87 -10.46 0.29
N GLY A 66 -0.21 -10.69 -0.44
CA GLY A 66 -1.20 -11.66 -0.03
C GLY A 66 -2.24 -11.16 0.95
N ILE A 67 -2.47 -9.86 0.96
CA ILE A 67 -3.49 -9.27 1.81
C ILE A 67 -4.87 -9.67 1.25
N SER A 68 -5.73 -10.20 2.10
N SER A 68 -5.74 -10.20 2.10
CA SER A 68 -7.04 -10.71 1.67
CA SER A 68 -7.00 -10.73 1.62
C SER A 68 -7.88 -9.61 1.07
C SER A 68 -7.91 -9.63 1.10
N ARG A 69 -8.73 -9.99 0.12
CA ARG A 69 -9.53 -9.05 -0.66
C ARG A 69 -10.49 -8.15 0.14
N GLU A 70 -10.92 -8.60 1.31
CA GLU A 70 -11.88 -7.85 2.10
C GLU A 70 -11.27 -6.72 2.87
N HIS A 71 -9.94 -6.66 2.93
CA HIS A 71 -9.31 -5.63 3.70
C HIS A 71 -9.32 -4.29 2.95
N SER A 72 -9.52 -3.22 3.68
CA SER A 72 -9.39 -1.87 3.10
C SER A 72 -8.27 -1.08 3.77
N SER A 73 -7.54 -1.72 4.67
CA SER A 73 -6.36 -1.11 5.25
C SER A 73 -5.36 -2.15 5.74
N TRP A 74 -4.11 -1.72 5.94
CA TRP A 74 -3.06 -2.60 6.41
C TRP A 74 -2.04 -1.74 7.14
N ASP A 75 -1.47 -2.27 8.21
CA ASP A 75 -0.46 -1.54 8.96
C ASP A 75 0.92 -2.04 8.56
N LEU A 76 1.73 -1.15 8.01
CA LEU A 76 3.13 -1.44 7.76
C LEU A 76 3.87 -1.22 9.07
N VAL A 77 4.63 -2.21 9.49
CA VAL A 77 5.31 -2.17 10.77
C VAL A 77 6.79 -2.45 10.57
N GLY A 78 7.56 -2.20 11.62
CA GLY A 78 8.99 -2.41 11.55
C GLY A 78 9.70 -1.40 10.68
N LEU A 79 9.10 -0.22 10.52
CA LEU A 79 9.70 0.83 9.70
C LEU A 79 10.79 1.61 10.47
N GLU A 80 11.63 2.34 9.73
CA GLU A 80 12.65 3.19 10.33
C GLU A 80 12.01 4.43 10.90
N LYS A 81 12.47 4.88 12.06
CA LYS A 81 12.00 6.13 12.65
C LYS A 81 12.45 7.36 11.84
N TRP A 82 11.62 8.40 11.87
CA TRP A 82 11.94 9.69 11.27
C TRP A 82 12.24 9.61 9.76
N THR A 83 11.65 8.62 9.10
CA THR A 83 11.95 8.26 7.73
C THR A 83 10.74 8.40 6.84
N GLU A 84 10.94 8.92 5.63
CA GLU A 84 9.86 9.08 4.67
C GLU A 84 9.83 7.92 3.70
N TYR A 85 8.61 7.49 3.38
CA TYR A 85 8.38 6.33 2.53
C TYR A 85 7.46 6.67 1.37
N ARG A 86 7.75 6.10 0.21
CA ARG A 86 6.79 6.00 -0.89
C ARG A 86 6.00 4.73 -0.65
N VAL A 87 4.69 4.78 -0.81
CA VAL A 87 3.81 3.63 -0.63
C VAL A 87 2.91 3.49 -1.85
N TRP A 88 2.85 2.27 -2.39
CA TRP A 88 2.01 1.95 -3.55
C TRP A 88 1.15 0.74 -3.20
N VAL A 89 -0.12 0.74 -3.61
CA VAL A 89 -0.99 -0.43 -3.44
C VAL A 89 -1.39 -0.99 -4.80
N ARG A 90 -1.50 -2.31 -4.91
CA ARG A 90 -1.96 -2.91 -6.16
C ARG A 90 -2.91 -4.07 -5.88
N ALA A 91 -3.84 -4.27 -6.82
CA ALA A 91 -4.77 -5.39 -6.77
C ALA A 91 -4.25 -6.55 -7.63
N HIS A 92 -4.75 -7.75 -7.35
CA HIS A 92 -4.39 -8.93 -8.09
C HIS A 92 -5.65 -9.75 -8.29
N THR A 93 -5.79 -10.35 -9.47
CA THR A 93 -6.75 -11.43 -9.66
C THR A 93 -6.01 -12.76 -9.50
N ASP A 94 -6.69 -13.89 -9.65
CA ASP A 94 -6.03 -15.17 -9.64
C ASP A 94 -5.04 -15.30 -10.80
N VAL A 95 -5.28 -14.55 -11.87
CA VAL A 95 -4.40 -14.62 -13.04
C VAL A 95 -3.10 -13.83 -12.81
N GLY A 96 -3.19 -12.64 -12.27
CA GLY A 96 -1.98 -11.88 -12.05
C GLY A 96 -2.22 -10.49 -11.51
N PRO A 97 -1.13 -9.73 -11.38
CA PRO A 97 -1.19 -8.42 -10.79
C PRO A 97 -1.77 -7.35 -11.69
N GLY A 98 -2.41 -6.36 -11.07
CA GLY A 98 -2.80 -5.13 -11.72
C GLY A 98 -1.75 -4.06 -11.52
N PRO A 99 -1.99 -2.85 -12.05
CA PRO A 99 -1.05 -1.73 -11.87
C PRO A 99 -1.11 -1.20 -10.44
N GLU A 100 0.02 -0.64 -10.00
CA GLU A 100 0.08 0.04 -8.72
C GLU A 100 -0.53 1.41 -8.78
N SER A 101 -1.02 1.86 -7.63
CA SER A 101 -1.43 3.24 -7.47
C SER A 101 -0.22 4.15 -7.59
N SER A 102 -0.50 5.44 -7.81
N SER A 102 -0.49 5.41 -7.84
CA SER A 102 0.51 6.50 -7.78
CA SER A 102 0.57 6.40 -7.76
C SER A 102 0.97 6.69 -6.33
C SER A 102 1.03 6.37 -6.32
N PRO A 103 2.30 6.71 -6.08
CA PRO A 103 2.82 6.64 -4.72
C PRO A 103 2.30 7.74 -3.83
N VAL A 104 2.07 7.36 -2.58
CA VAL A 104 1.75 8.30 -1.53
C VAL A 104 2.97 8.40 -0.62
N LEU A 105 3.31 9.61 -0.20
N LEU A 105 3.29 9.61 -0.15
CA LEU A 105 4.41 9.83 0.71
CA LEU A 105 4.46 9.86 0.68
C LEU A 105 3.89 9.88 2.13
C LEU A 105 4.07 10.10 2.14
N VAL A 106 4.66 9.33 3.04
CA VAL A 106 4.30 9.36 4.44
C VAL A 106 5.61 9.24 5.24
N ARG A 107 5.67 9.93 6.37
CA ARG A 107 6.87 9.95 7.21
C ARG A 107 6.53 9.41 8.60
N THR A 108 7.37 8.51 9.12
CA THR A 108 7.27 8.13 10.52
C THR A 108 7.87 9.25 11.35
N ASP A 109 7.42 9.35 12.60
N ASP A 109 7.50 9.26 12.63
CA ASP A 109 7.97 10.34 13.51
CA ASP A 109 7.92 10.33 13.51
C ASP A 109 7.83 9.90 14.96
C ASP A 109 7.83 9.89 14.97
N GLU A 110 8.40 10.71 15.84
CA GLU A 110 8.45 10.43 17.26
C GLU A 110 7.08 10.40 17.90
N ALA A 111 6.14 11.12 17.30
CA ALA A 111 4.82 11.29 17.88
C ALA A 111 4.02 10.02 17.70
N GLU A 112 3.20 9.72 18.71
CA GLU A 112 2.40 8.51 18.73
C GLU A 112 0.95 8.94 18.83
N ASN A 113 0.11 8.32 18.00
CA ASN A 113 -1.33 8.55 18.00
C ASN A 113 -1.98 7.59 18.98
N LEU A 114 -2.57 8.13 20.04
CA LEU A 114 -3.20 7.32 21.07
C LEU A 114 -4.72 7.31 20.89
#